data_3EBW
#
_entry.id   3EBW
#
_cell.length_a   62.985
_cell.length_b   62.985
_cell.length_c   143.699
_cell.angle_alpha   90.000
_cell.angle_beta   90.000
_cell.angle_gamma   90.000
#
_symmetry.space_group_name_H-M   'P 41'
#
loop_
_entity.id
_entity.type
_entity.pdbx_description
1 polymer 'Per a 4 allergen'
2 non-polymer 2-{2-[2-(2-{2-[2-(2-ETHOXY-ETHOXY)-ETHOXY]-ETHOXY}-ETHOXY)-ETHOXY]-ETHOXY}-ETHANOL
#
_entity_poly.entity_id   1
_entity_poly.type   'polypeptide(L)'
_entity_poly.pdbx_seq_one_letter_code
;DDSCQIGTSFTGLD(MSE)TKYVGTWYELFRTPNSDEEDFTNCEYDKYTLDENGVIQVTSVAYTNSIRGFITSTGTVPSW
TEDTFDIAYGDDETWSSTYF(MSE)VGTDYQTYSIVAGCLDNDYSRHLYWIASHETSFDDATKAKVNEVLAPYNLSLDD
(MSE)EPVDQSYCVQY
;
_entity_poly.pdbx_strand_id   A,B
#
loop_
_chem_comp.id
_chem_comp.type
_chem_comp.name
_chem_comp.formula
PE4 non-polymer 2-{2-[2-(2-{2-[2-(2-ETHOXY-ETHOXY)-ETHOXY]-ETHOXY}-ETHOXY)-ETHOXY]-ETHOXY}-ETHANOL 'C16 H34 O8'
#
# COMPACT_ATOMS: atom_id res chain seq x y z
N ASP A 1 -13.98 -16.91 -2.00
CA ASP A 1 -13.99 -16.26 -3.34
C ASP A 1 -15.41 -16.14 -3.91
N ASP A 2 -15.56 -15.35 -4.97
CA ASP A 2 -16.86 -15.11 -5.60
C ASP A 2 -17.82 -14.48 -4.59
N SER A 3 -17.25 -14.02 -3.48
CA SER A 3 -17.97 -13.39 -2.38
C SER A 3 -16.90 -12.97 -1.38
N CYS A 4 -17.14 -11.88 -0.66
CA CYS A 4 -16.14 -11.39 0.31
C CYS A 4 -16.22 -12.04 1.70
N GLN A 5 -15.31 -12.97 1.98
CA GLN A 5 -15.29 -13.62 3.28
C GLN A 5 -14.03 -13.21 4.03
N ILE A 6 -14.18 -12.74 5.26
CA ILE A 6 -13.04 -12.33 6.06
C ILE A 6 -13.26 -12.87 7.47
N GLY A 7 -12.21 -13.49 8.01
CA GLY A 7 -12.27 -14.01 9.34
C GLY A 7 -12.66 -12.90 10.28
N THR A 8 -13.12 -13.27 11.46
CA THR A 8 -13.53 -12.35 12.51
C THR A 8 -14.15 -13.27 13.54
N SER A 9 -13.96 -12.93 14.81
CA SER A 9 -14.48 -13.76 15.88
C SER A 9 -15.20 -12.83 16.82
N PHE A 10 -15.78 -11.79 16.25
CA PHE A 10 -16.49 -10.78 17.02
C PHE A 10 -17.95 -11.23 16.97
N THR A 11 -18.76 -10.67 17.87
CA THR A 11 -20.20 -10.97 17.91
C THR A 11 -20.86 -9.93 18.77
N GLY A 12 -22.20 -9.92 18.72
CA GLY A 12 -22.98 -8.98 19.50
C GLY A 12 -22.92 -7.60 18.89
N LEU A 13 -22.62 -7.55 17.59
CA LEU A 13 -22.51 -6.29 16.87
C LEU A 13 -23.85 -5.55 16.95
N ASP A 14 -23.78 -4.27 17.29
CA ASP A 14 -24.97 -3.44 17.42
C ASP A 14 -24.70 -2.07 16.74
N MSE A 15 -24.97 -2.02 15.43
CA MSE A 15 -24.74 -0.82 14.65
C MSE A 15 -25.39 0.41 15.23
O MSE A 15 -25.17 1.52 14.76
CB MSE A 15 -25.20 -1.02 13.19
CG MSE A 15 -24.29 -1.98 12.43
SE MSE A 15 -22.40 -1.47 12.50
CE MSE A 15 -22.43 -0.25 10.98
N THR A 16 -26.17 0.24 16.27
CA THR A 16 -26.79 1.38 16.89
C THR A 16 -25.77 1.98 17.83
N LYS A 17 -24.94 1.12 18.41
CA LYS A 17 -23.88 1.58 19.32
C LYS A 17 -22.67 2.06 18.52
N TYR A 18 -22.76 1.91 17.20
CA TYR A 18 -21.68 2.32 16.31
C TYR A 18 -21.93 3.73 15.81
N VAL A 19 -23.05 4.30 16.22
CA VAL A 19 -23.41 5.64 15.82
C VAL A 19 -22.25 6.58 16.13
N GLY A 20 -22.18 7.70 15.40
CA GLY A 20 -21.10 8.64 15.64
C GLY A 20 -20.12 8.89 14.50
N THR A 21 -18.99 9.50 14.85
CA THR A 21 -17.95 9.85 13.89
C THR A 21 -16.67 9.07 14.12
N TRP A 22 -16.35 8.22 13.15
CA TRP A 22 -15.15 7.42 13.24
C TRP A 22 -14.07 7.91 12.27
N TYR A 23 -12.92 8.31 12.79
CA TYR A 23 -11.83 8.75 11.95
C TYR A 23 -10.99 7.54 11.51
N GLU A 24 -10.65 7.50 10.23
CA GLU A 24 -9.85 6.40 9.72
C GLU A 24 -8.38 6.70 10.02
N LEU A 25 -7.81 5.99 10.99
CA LEU A 25 -6.42 6.24 11.37
C LEU A 25 -5.37 5.41 10.66
N PHE A 26 -5.71 4.18 10.27
CA PHE A 26 -4.78 3.34 9.53
C PHE A 26 -5.63 2.59 8.54
N ARG A 27 -5.03 2.12 7.45
CA ARG A 27 -5.78 1.39 6.44
C ARG A 27 -4.83 0.54 5.61
N THR A 28 -5.35 -0.53 5.03
CA THR A 28 -4.55 -1.36 4.16
C THR A 28 -4.38 -0.48 2.94
N PRO A 29 -3.13 -0.26 2.49
CA PRO A 29 -2.82 0.56 1.32
C PRO A 29 -3.56 0.01 0.12
N ASN A 30 -4.11 0.86 -0.74
CA ASN A 30 -4.85 0.38 -1.92
C ASN A 30 -5.06 1.54 -2.88
N SER A 31 -5.29 1.23 -4.15
CA SER A 31 -5.48 2.24 -5.18
C SER A 31 -6.64 3.17 -4.86
N ASP A 32 -7.86 2.81 -5.22
CA ASP A 32 -9.00 3.66 -4.93
C ASP A 32 -9.09 3.96 -3.43
N GLU A 33 -8.45 5.05 -3.02
CA GLU A 33 -8.37 5.52 -1.63
C GLU A 33 -6.98 6.15 -1.44
N GLU A 34 -6.21 6.13 -2.54
CA GLU A 34 -4.84 6.65 -2.65
C GLU A 34 -4.67 8.12 -2.30
N ASP A 35 -5.57 8.94 -2.88
CA ASP A 35 -5.60 10.39 -2.69
C ASP A 35 -5.94 10.79 -1.27
N PHE A 36 -7.15 10.48 -0.84
CA PHE A 36 -7.60 10.81 0.50
C PHE A 36 -6.46 10.62 1.49
N THR A 37 -6.03 11.69 2.13
CA THR A 37 -4.92 11.55 3.05
C THR A 37 -4.95 12.48 4.24
N ASN A 38 -5.50 13.67 4.07
CA ASN A 38 -5.51 14.63 5.16
C ASN A 38 -6.78 14.74 5.96
N CYS A 39 -7.78 13.94 5.57
CA CYS A 39 -9.06 13.88 6.26
C CYS A 39 -9.90 12.74 5.69
N GLU A 40 -10.24 11.81 6.56
CA GLU A 40 -11.05 10.66 6.18
C GLU A 40 -11.79 10.06 7.37
N TYR A 41 -13.10 10.27 7.41
CA TYR A 41 -13.92 9.75 8.48
C TYR A 41 -15.30 9.34 7.98
N ASP A 42 -15.94 8.45 8.69
CA ASP A 42 -17.31 8.03 8.35
C ASP A 42 -18.18 8.46 9.54
N LYS A 43 -19.35 9.00 9.25
CA LYS A 43 -20.27 9.43 10.31
C LYS A 43 -21.54 8.62 10.25
N TYR A 44 -21.89 8.03 11.39
CA TYR A 44 -23.12 7.21 11.50
C TYR A 44 -24.16 7.96 12.32
N THR A 45 -25.33 8.05 11.72
CA THR A 45 -26.46 8.78 12.27
C THR A 45 -27.70 7.93 12.23
N LEU A 46 -28.43 7.90 13.35
CA LEU A 46 -29.66 7.15 13.46
C LEU A 46 -30.89 8.06 13.25
N ASP A 47 -31.58 7.91 12.13
CA ASP A 47 -32.77 8.71 11.86
C ASP A 47 -33.96 8.25 12.70
N GLU A 48 -35.02 9.05 12.76
CA GLU A 48 -36.17 8.66 13.57
C GLU A 48 -37.08 7.58 13.00
N ASN A 49 -36.86 7.21 11.74
CA ASN A 49 -37.65 6.17 11.12
C ASN A 49 -36.85 4.86 11.24
N GLY A 50 -35.89 4.89 12.18
CA GLY A 50 -35.07 3.75 12.47
C GLY A 50 -33.85 3.52 11.60
N VAL A 51 -33.82 4.15 10.43
CA VAL A 51 -32.70 3.97 9.52
C VAL A 51 -31.36 4.49 10.03
N ILE A 52 -30.32 3.67 9.92
CA ILE A 52 -29.00 4.14 10.31
C ILE A 52 -28.38 4.69 9.04
N GLN A 53 -27.99 5.94 9.11
CA GLN A 53 -27.45 6.60 7.95
C GLN A 53 -25.94 6.76 8.08
N VAL A 54 -25.24 6.57 6.96
CA VAL A 54 -23.80 6.74 7.02
C VAL A 54 -23.27 7.72 5.97
N THR A 55 -22.45 8.65 6.43
CA THR A 55 -21.85 9.61 5.55
C THR A 55 -20.34 9.51 5.56
N SER A 56 -19.81 9.27 4.38
CA SER A 56 -18.37 9.17 4.18
C SER A 56 -17.85 10.53 3.72
N VAL A 57 -16.85 11.04 4.44
CA VAL A 57 -16.27 12.33 4.08
C VAL A 57 -14.78 12.12 3.90
N ALA A 58 -14.26 12.53 2.74
CA ALA A 58 -12.82 12.42 2.47
C ALA A 58 -12.24 13.63 1.71
N TYR A 59 -11.14 14.16 2.21
CA TYR A 59 -10.49 15.28 1.56
C TYR A 59 -9.52 14.80 0.48
N THR A 60 -9.92 14.92 -0.79
CA THR A 60 -9.05 14.52 -1.90
C THR A 60 -7.98 15.58 -2.00
N ASN A 61 -6.82 15.22 -2.54
CA ASN A 61 -5.75 16.20 -2.69
C ASN A 61 -5.83 16.79 -4.10
N SER A 62 -6.07 15.91 -5.07
CA SER A 62 -6.17 16.28 -6.47
C SER A 62 -7.48 16.94 -6.82
N ILE A 63 -7.83 18.02 -6.10
CA ILE A 63 -9.10 18.70 -6.31
C ILE A 63 -9.32 19.63 -5.13
N ARG A 64 -8.36 19.64 -4.21
CA ARG A 64 -8.43 20.45 -2.98
C ARG A 64 -9.87 20.72 -2.57
N GLY A 65 -10.64 19.64 -2.51
CA GLY A 65 -12.04 19.67 -2.13
C GLY A 65 -12.34 18.47 -1.25
N PHE A 66 -13.61 18.15 -1.06
CA PHE A 66 -13.98 17.02 -0.24
C PHE A 66 -14.95 16.13 -1.00
N ILE A 67 -14.78 14.80 -0.93
CA ILE A 67 -15.75 13.91 -1.57
C ILE A 67 -16.65 13.54 -0.40
N THR A 68 -17.96 13.73 -0.60
CA THR A 68 -18.98 13.45 0.41
C THR A 68 -19.96 12.46 -0.17
N SER A 69 -20.05 11.28 0.47
CA SER A 69 -20.96 10.23 0.02
C SER A 69 -21.80 9.73 1.20
N THR A 70 -23.02 9.32 0.91
CA THR A 70 -23.90 8.84 1.95
C THR A 70 -24.46 7.47 1.61
N GLY A 71 -24.90 6.77 2.62
CA GLY A 71 -25.50 5.46 2.43
C GLY A 71 -26.19 5.08 3.71
N THR A 72 -27.05 4.07 3.64
CA THR A 72 -27.75 3.61 4.84
C THR A 72 -27.24 2.22 5.09
N VAL A 73 -27.26 1.78 6.35
CA VAL A 73 -26.86 0.42 6.67
C VAL A 73 -28.18 -0.33 6.92
N PRO A 74 -28.76 -0.94 5.87
CA PRO A 74 -30.00 -1.69 5.84
C PRO A 74 -30.10 -2.98 6.62
N SER A 75 -28.97 -3.53 7.02
CA SER A 75 -28.99 -4.76 7.81
C SER A 75 -27.67 -5.00 8.49
N TRP A 76 -27.62 -6.02 9.31
CA TRP A 76 -26.39 -6.35 10.00
C TRP A 76 -26.53 -7.58 10.86
N THR A 77 -25.60 -8.51 10.67
CA THR A 77 -25.59 -9.76 11.41
C THR A 77 -24.83 -9.66 12.72
N GLU A 78 -24.43 -10.81 13.24
CA GLU A 78 -23.74 -10.90 14.50
C GLU A 78 -22.39 -10.18 14.48
N ASP A 79 -21.74 -10.14 13.32
CA ASP A 79 -20.45 -9.45 13.15
C ASP A 79 -20.29 -9.01 11.70
N THR A 80 -21.38 -8.52 11.10
CA THR A 80 -21.37 -8.12 9.71
C THR A 80 -22.31 -6.97 9.48
N PHE A 81 -22.00 -6.06 8.57
CA PHE A 81 -22.96 -5.01 8.30
C PHE A 81 -22.96 -4.65 6.84
N ASP A 82 -24.11 -4.31 6.29
CA ASP A 82 -24.17 -3.98 4.89
C ASP A 82 -24.40 -2.48 4.68
N ILE A 83 -24.00 -1.98 3.51
CA ILE A 83 -24.18 -0.59 3.17
C ILE A 83 -24.98 -0.53 1.89
N ALA A 84 -25.91 0.43 1.84
CA ALA A 84 -26.78 0.59 0.71
C ALA A 84 -26.68 1.95 -0.01
N TYR A 85 -26.88 1.89 -1.33
CA TYR A 85 -26.88 3.02 -2.26
C TYR A 85 -25.97 4.18 -1.89
N SER A 92 -25.82 -3.58 -0.89
CA SER A 92 -24.81 -3.54 -1.95
C SER A 92 -23.49 -4.14 -1.50
N SER A 93 -22.74 -3.46 -0.63
CA SER A 93 -21.48 -4.03 -0.18
C SER A 93 -21.59 -4.60 1.24
N THR A 94 -20.89 -5.69 1.54
CA THR A 94 -20.90 -6.30 2.88
C THR A 94 -19.54 -6.17 3.52
N TYR A 95 -19.51 -5.78 4.79
CA TYR A 95 -18.29 -5.57 5.57
C TYR A 95 -18.31 -6.37 6.90
N PHE A 96 -17.16 -6.88 7.30
CA PHE A 96 -17.01 -7.66 8.54
C PHE A 96 -16.51 -6.81 9.68
N MSE A 97 -17.17 -6.87 10.83
CA MSE A 97 -16.73 -6.09 11.96
C MSE A 97 -15.72 -6.95 12.69
O MSE A 97 -16.10 -7.76 13.51
CB MSE A 97 -17.90 -5.84 12.88
CG MSE A 97 -17.52 -5.10 14.12
SE MSE A 97 -16.69 -3.42 13.64
CE MSE A 97 -18.27 -2.28 13.56
N VAL A 98 -14.44 -6.77 12.39
CA VAL A 98 -13.40 -7.56 13.04
C VAL A 98 -13.23 -7.33 14.54
N GLY A 99 -13.46 -6.10 14.99
CA GLY A 99 -13.33 -5.81 16.41
C GLY A 99 -13.55 -4.36 16.80
N THR A 100 -14.35 -4.14 17.83
CA THR A 100 -14.59 -2.78 18.29
C THR A 100 -15.12 -2.67 19.73
N ASP A 101 -14.94 -1.51 20.33
CA ASP A 101 -15.43 -1.27 21.68
C ASP A 101 -16.42 -0.12 21.60
N TYR A 102 -16.84 0.17 20.37
CA TYR A 102 -17.79 1.23 20.08
C TYR A 102 -17.42 2.60 20.59
N GLN A 103 -16.23 2.79 21.13
CA GLN A 103 -15.85 4.13 21.58
C GLN A 103 -14.38 4.37 21.90
N THR A 104 -13.51 4.03 20.96
CA THR A 104 -12.07 4.22 21.11
C THR A 104 -11.30 3.68 19.90
N TYR A 105 -11.65 2.46 19.48
CA TYR A 105 -11.03 1.81 18.34
C TYR A 105 -12.11 1.04 17.59
N SER A 106 -11.89 0.75 16.31
CA SER A 106 -12.87 0.06 15.51
C SER A 106 -12.25 -0.57 14.30
N ILE A 107 -11.96 -1.87 14.33
CA ILE A 107 -11.37 -2.45 13.13
C ILE A 107 -12.41 -3.20 12.26
N VAL A 108 -12.71 -2.60 11.10
CA VAL A 108 -13.66 -3.09 10.10
C VAL A 108 -12.88 -3.62 8.90
N ALA A 109 -13.49 -4.46 8.07
CA ALA A 109 -12.78 -5.00 6.92
C ALA A 109 -13.70 -5.54 5.84
N GLY A 110 -13.30 -5.36 4.58
CA GLY A 110 -14.11 -5.82 3.47
C GLY A 110 -13.22 -6.06 2.28
N CYS A 111 -13.80 -6.00 1.10
CA CYS A 111 -13.10 -6.22 -0.14
C CYS A 111 -13.39 -5.02 -1.02
N LEU A 112 -12.72 -4.88 -2.16
CA LEU A 112 -13.00 -3.72 -2.99
C LEU A 112 -13.25 -4.13 -4.42
N ASP A 113 -14.37 -3.67 -4.96
CA ASP A 113 -14.81 -3.96 -6.33
C ASP A 113 -15.20 -5.43 -6.48
N ASN A 114 -14.66 -6.12 -7.47
CA ASN A 114 -14.99 -7.54 -7.63
C ASN A 114 -13.83 -8.37 -7.12
N ASP A 115 -12.81 -7.69 -6.62
CA ASP A 115 -11.61 -8.33 -6.11
C ASP A 115 -11.79 -8.85 -4.69
N TYR A 116 -12.45 -10.00 -4.58
CA TYR A 116 -12.70 -10.62 -3.30
C TYR A 116 -11.39 -11.22 -2.82
N SER A 117 -10.44 -11.30 -3.74
CA SER A 117 -9.12 -11.85 -3.45
C SER A 117 -8.35 -10.95 -2.49
N ARG A 118 -8.47 -9.64 -2.70
CA ARG A 118 -7.77 -8.64 -1.88
C ARG A 118 -8.60 -8.11 -0.71
N HIS A 119 -8.16 -8.43 0.51
CA HIS A 119 -8.85 -7.94 1.69
C HIS A 119 -8.32 -6.58 2.11
N LEU A 120 -9.19 -5.76 2.70
CA LEU A 120 -8.77 -4.43 3.14
C LEU A 120 -9.17 -4.22 4.59
N TYR A 121 -8.23 -3.79 5.44
CA TYR A 121 -8.58 -3.52 6.84
C TYR A 121 -8.56 -2.02 7.08
N TRP A 122 -9.51 -1.53 7.88
CA TRP A 122 -9.61 -0.11 8.20
C TRP A 122 -9.66 0.01 9.73
N ILE A 123 -8.67 0.69 10.30
CA ILE A 123 -8.63 0.84 11.75
C ILE A 123 -9.20 2.23 11.99
N ALA A 124 -10.20 2.32 12.89
CA ALA A 124 -10.86 3.61 13.14
C ALA A 124 -11.00 4.04 14.60
N SER A 125 -11.32 5.31 14.81
CA SER A 125 -11.46 5.82 16.16
C SER A 125 -12.32 7.07 16.25
N HIS A 126 -12.78 7.38 17.47
CA HIS A 126 -13.59 8.58 17.70
C HIS A 126 -12.64 9.74 17.88
N GLU A 127 -11.46 9.43 18.39
CA GLU A 127 -10.40 10.42 18.59
C GLU A 127 -9.75 10.58 17.22
N THR A 128 -8.65 11.31 17.15
CA THR A 128 -7.95 11.49 15.89
C THR A 128 -6.60 10.80 15.97
N SER A 129 -6.41 9.95 16.98
CA SER A 129 -5.14 9.23 17.17
C SER A 129 -5.23 8.25 18.33
N PHE A 130 -4.40 7.23 18.33
CA PHE A 130 -4.42 6.25 19.40
C PHE A 130 -3.40 6.48 20.51
N ASP A 131 -3.77 6.24 21.76
CA ASP A 131 -2.83 6.37 22.86
C ASP A 131 -2.17 4.99 22.91
N ASP A 132 -0.92 4.93 23.35
CA ASP A 132 -0.22 3.65 23.38
C ASP A 132 -1.07 2.51 23.93
N ALA A 133 -2.03 2.86 24.78
CA ALA A 133 -2.94 1.87 25.35
C ALA A 133 -3.74 1.17 24.26
N THR A 134 -4.57 1.94 23.57
CA THR A 134 -5.41 1.44 22.48
C THR A 134 -4.58 0.63 21.49
N LYS A 135 -3.63 1.30 20.82
CA LYS A 135 -2.75 0.65 19.84
C LYS A 135 -2.44 -0.79 20.23
N ALA A 136 -2.13 -0.97 21.50
CA ALA A 136 -1.80 -2.28 22.04
C ALA A 136 -2.92 -3.25 21.70
N LYS A 137 -4.14 -2.86 22.10
CA LYS A 137 -5.34 -3.67 21.87
C LYS A 137 -5.60 -3.92 20.40
N VAL A 138 -5.51 -2.86 19.58
CA VAL A 138 -5.76 -2.96 18.16
C VAL A 138 -4.88 -4.02 17.52
N ASN A 139 -3.65 -4.16 18.03
CA ASN A 139 -2.72 -5.16 17.51
C ASN A 139 -2.97 -6.50 18.15
N GLU A 140 -3.51 -6.45 19.35
CA GLU A 140 -3.86 -7.65 20.08
C GLU A 140 -4.92 -8.32 19.21
N VAL A 141 -5.85 -7.50 18.71
CA VAL A 141 -6.94 -7.98 17.85
C VAL A 141 -6.50 -8.30 16.43
N LEU A 142 -5.71 -7.41 15.83
CA LEU A 142 -5.25 -7.63 14.47
C LEU A 142 -4.35 -8.86 14.36
N ALA A 143 -3.61 -9.10 15.43
CA ALA A 143 -2.66 -10.21 15.50
C ALA A 143 -3.07 -11.53 14.84
N PRO A 144 -4.14 -12.18 15.35
CA PRO A 144 -4.61 -13.46 14.79
C PRO A 144 -4.62 -13.63 13.28
N TYR A 145 -4.61 -12.51 12.54
CA TYR A 145 -4.66 -12.57 11.08
C TYR A 145 -3.34 -12.21 10.46
N ASN A 146 -2.37 -11.96 11.33
CA ASN A 146 -1.03 -11.62 10.88
C ASN A 146 -0.98 -10.22 10.31
N LEU A 147 -1.50 -9.26 11.09
CA LEU A 147 -1.48 -7.86 10.70
C LEU A 147 -1.10 -7.15 11.96
N SER A 148 -0.60 -5.92 11.80
CA SER A 148 -0.19 -5.12 12.93
C SER A 148 -0.36 -3.68 12.53
N LEU A 149 -0.52 -2.81 13.50
CA LEU A 149 -0.74 -1.42 13.20
C LEU A 149 0.33 -0.79 12.31
N ASP A 150 1.55 -1.34 12.32
CA ASP A 150 2.64 -0.79 11.51
C ASP A 150 2.88 -1.60 10.25
N ASP A 151 1.84 -2.30 9.83
CA ASP A 151 1.89 -3.15 8.65
C ASP A 151 0.99 -2.49 7.61
N MSE A 152 0.38 -1.37 8.01
CA MSE A 152 -0.50 -0.63 7.14
C MSE A 152 -0.32 0.89 7.19
O MSE A 152 0.26 1.43 8.13
CB MSE A 152 -1.93 -1.01 7.42
CG MSE A 152 -2.27 -1.05 8.86
SE MSE A 152 -3.75 -2.23 9.14
CE MSE A 152 -3.74 -2.16 11.07
N GLU A 153 -0.86 1.55 6.17
CA GLU A 153 -0.78 3.00 5.97
C GLU A 153 -1.56 3.95 6.88
N PRO A 154 -0.87 4.78 7.67
CA PRO A 154 -1.51 5.74 8.57
C PRO A 154 -2.15 6.87 7.76
N VAL A 155 -3.24 7.44 8.29
CA VAL A 155 -3.95 8.52 7.62
C VAL A 155 -4.14 9.71 8.56
N ASP A 156 -3.71 10.89 8.15
CA ASP A 156 -3.85 12.05 8.99
C ASP A 156 -5.24 12.69 8.91
N GLN A 157 -5.68 13.28 10.02
CA GLN A 157 -6.98 13.93 10.09
C GLN A 157 -6.83 15.37 10.58
N SER A 158 -6.69 16.30 9.65
CA SER A 158 -6.56 17.70 10.02
C SER A 158 -7.40 18.58 9.10
N TYR A 159 -7.17 18.50 7.79
CA TYR A 159 -7.99 19.29 6.85
C TYR A 159 -9.46 18.96 7.06
N CYS A 160 -9.72 18.23 8.15
CA CYS A 160 -11.06 17.82 8.50
C CYS A 160 -12.00 18.95 8.88
N VAL A 161 -11.45 19.97 9.53
CA VAL A 161 -12.30 21.09 9.93
C VAL A 161 -12.58 22.00 8.75
N GLN A 162 -11.72 21.92 7.72
CA GLN A 162 -11.89 22.71 6.51
C GLN A 162 -13.21 22.39 5.83
N TYR A 163 -13.65 21.12 5.98
CA TYR A 163 -14.88 20.65 5.37
C TYR A 163 -16.00 21.69 5.36
N ASP B 1 17.59 17.25 0.66
CA ASP B 1 18.56 16.68 1.66
C ASP B 1 17.88 16.37 3.00
N ASP B 2 18.60 15.63 3.85
CA ASP B 2 18.09 15.21 5.16
C ASP B 2 16.81 14.38 4.98
N SER B 3 16.59 13.95 3.73
CA SER B 3 15.43 13.15 3.33
C SER B 3 15.65 12.84 1.85
N CYS B 4 15.19 11.69 1.39
CA CYS B 4 15.36 11.31 -0.01
C CYS B 4 14.31 11.86 -0.98
N GLN B 5 14.64 12.91 -1.71
CA GLN B 5 13.72 13.48 -2.68
C GLN B 5 14.22 13.23 -4.11
N ILE B 6 13.38 12.66 -4.95
CA ILE B 6 13.78 12.40 -6.33
C ILE B 6 12.62 12.81 -7.22
N GLY B 7 12.95 13.56 -8.27
CA GLY B 7 11.94 13.99 -9.21
C GLY B 7 11.22 12.76 -9.73
N THR B 8 10.05 12.98 -10.31
CA THR B 8 9.22 11.94 -10.89
C THR B 8 7.94 12.69 -11.21
N SER B 9 7.30 12.32 -12.31
CA SER B 9 6.08 12.99 -12.74
C SER B 9 5.09 11.89 -13.03
N PHE B 10 5.21 10.81 -12.30
CA PHE B 10 4.34 9.66 -12.47
C PHE B 10 3.21 9.86 -11.47
N THR B 11 2.11 9.14 -11.65
CA THR B 11 0.97 9.18 -10.73
C THR B 11 0.09 8.01 -11.01
N GLY B 12 -0.87 7.78 -10.11
CA GLY B 12 -1.80 6.67 -10.25
C GLY B 12 -1.13 5.36 -9.89
N LEU B 13 -0.06 5.45 -9.11
CA LEU B 13 0.69 4.26 -8.70
C LEU B 13 -0.23 3.31 -7.95
N ASP B 14 -0.21 2.04 -8.34
CA ASP B 14 -1.03 1.02 -7.71
C ASP B 14 -0.16 -0.23 -7.45
N MSE B 15 0.50 -0.25 -6.29
CA MSE B 15 1.38 -1.35 -5.90
C MSE B 15 0.72 -2.71 -6.02
O MSE B 15 1.37 -3.73 -5.87
CB MSE B 15 1.94 -1.13 -4.50
CG MSE B 15 2.95 0.00 -4.44
SE MSE B 15 4.39 -0.20 -5.76
CE MSE B 15 5.55 -1.31 -4.67
N THR B 16 -0.57 -2.73 -6.27
CA THR B 16 -1.26 -3.99 -6.42
C THR B 16 -1.03 -4.47 -7.83
N LYS B 17 -0.91 -3.53 -8.76
CA LYS B 17 -0.65 -3.86 -10.16
C LYS B 17 0.84 -4.09 -10.37
N TYR B 18 1.62 -3.89 -9.30
CA TYR B 18 3.07 -4.06 -9.36
C TYR B 18 3.43 -5.45 -8.91
N VAL B 19 2.43 -6.22 -8.53
CA VAL B 19 2.63 -7.58 -8.08
C VAL B 19 3.46 -8.33 -9.12
N GLY B 20 4.16 -9.36 -8.69
CA GLY B 20 4.96 -10.13 -9.63
C GLY B 20 6.47 -10.15 -9.41
N THR B 21 7.18 -10.59 -10.45
CA THR B 21 8.63 -10.71 -10.42
C THR B 21 9.31 -9.75 -11.37
N TRP B 22 10.04 -8.80 -10.80
CA TRP B 22 10.74 -7.83 -11.59
C TRP B 22 12.25 -8.07 -11.59
N TYR B 23 12.82 -8.31 -12.76
CA TYR B 23 14.26 -8.52 -12.85
C TYR B 23 14.97 -7.16 -13.00
N GLU B 24 16.04 -6.99 -12.25
CA GLU B 24 16.80 -5.74 -12.32
C GLU B 24 17.73 -5.83 -13.53
N LEU B 25 17.43 -5.09 -14.58
CA LEU B 25 18.25 -5.14 -15.78
C LEU B 25 19.35 -4.11 -15.88
N PHE B 26 19.16 -2.93 -15.29
CA PHE B 26 20.18 -1.91 -15.28
C PHE B 26 20.08 -1.26 -13.93
N ARG B 27 21.15 -0.62 -13.47
CA ARG B 27 21.15 0.04 -12.18
C ARG B 27 22.24 1.08 -12.13
N THR B 28 22.06 2.08 -11.28
CA THR B 28 23.08 3.10 -11.09
C THR B 28 24.15 2.32 -10.32
N PRO B 29 25.40 2.33 -10.80
CA PRO B 29 26.54 1.64 -10.18
C PRO B 29 26.67 2.13 -8.75
N ASN B 30 26.95 1.25 -7.81
CA ASN B 30 27.09 1.68 -6.41
C ASN B 30 27.76 0.56 -5.60
N SER B 31 28.35 0.91 -4.46
CA SER B 31 29.06 -0.06 -3.63
C SER B 31 28.14 -1.18 -3.17
N ASP B 32 27.40 -0.98 -2.08
CA ASP B 32 26.51 -2.04 -1.62
C ASP B 32 25.53 -2.44 -2.71
N GLU B 33 25.91 -3.42 -3.50
CA GLU B 33 25.14 -3.96 -4.63
C GLU B 33 26.16 -4.37 -5.72
N GLU B 34 27.44 -4.16 -5.40
CA GLU B 34 28.61 -4.44 -6.24
C GLU B 34 28.73 -5.88 -6.70
N ASP B 35 28.58 -6.79 -5.73
CA ASP B 35 28.67 -8.25 -5.93
C ASP B 35 27.55 -8.79 -6.82
N PHE B 36 26.33 -8.69 -6.34
CA PHE B 36 25.19 -9.18 -7.08
C PHE B 36 25.36 -8.86 -8.55
N THR B 37 25.43 -9.89 -9.39
CA THR B 37 25.62 -9.62 -10.79
C THR B 37 24.98 -10.61 -11.72
N ASN B 38 24.88 -11.86 -11.31
CA ASN B 38 24.33 -12.88 -12.20
C ASN B 38 22.86 -13.24 -11.98
N CYS B 39 22.26 -12.60 -10.99
CA CYS B 39 20.85 -12.79 -10.67
C CYS B 39 20.41 -11.77 -9.62
N GLU B 40 19.43 -10.96 -10.00
CA GLU B 40 18.90 -9.94 -9.11
C GLU B 40 17.48 -9.53 -9.50
N TYR B 41 16.51 -9.95 -8.69
CA TYR B 41 15.13 -9.63 -8.94
C TYR B 41 14.37 -9.43 -7.63
N ASP B 42 13.27 -8.69 -7.70
CA ASP B 42 12.42 -8.48 -6.53
C ASP B 42 11.08 -9.12 -6.88
N LYS B 43 10.47 -9.82 -5.93
CA LYS B 43 9.18 -10.46 -6.17
C LYS B 43 8.14 -9.86 -5.24
N TYR B 44 7.04 -9.39 -5.83
CA TYR B 44 5.92 -8.81 -5.08
C TYR B 44 4.74 -9.77 -5.07
N THR B 45 4.26 -10.02 -3.86
CA THR B 45 3.20 -10.95 -3.60
C THR B 45 2.16 -10.32 -2.70
N LEU B 46 0.89 -10.47 -3.08
CA LEU B 46 -0.22 -9.93 -2.30
C LEU B 46 -0.85 -11.01 -1.41
N ASP B 47 -0.64 -10.92 -0.10
CA ASP B 47 -1.23 -11.88 0.83
C ASP B 47 -2.74 -11.66 1.00
N GLU B 48 -3.43 -12.63 1.59
CA GLU B 48 -4.87 -12.49 1.76
C GLU B 48 -5.34 -11.52 2.84
N ASN B 49 -4.43 -11.06 3.68
CA ASN B 49 -4.78 -10.12 4.73
C ASN B 49 -4.47 -8.72 4.19
N GLY B 50 -4.39 -8.65 2.86
CA GLY B 50 -4.14 -7.40 2.17
C GLY B 50 -2.71 -6.93 2.06
N VAL B 51 -1.82 -7.46 2.88
CA VAL B 51 -0.42 -7.05 2.85
C VAL B 51 0.33 -7.38 1.57
N ILE B 52 1.04 -6.40 1.03
CA ILE B 52 1.84 -6.66 -0.16
C ILE B 52 3.22 -7.04 0.37
N GLN B 53 3.67 -8.21 -0.02
CA GLN B 53 4.92 -8.71 0.46
C GLN B 53 5.99 -8.62 -0.62
N VAL B 54 7.19 -8.25 -0.23
CA VAL B 54 8.25 -8.20 -1.22
C VAL B 54 9.49 -9.00 -0.82
N THR B 55 9.94 -9.82 -1.76
CA THR B 55 11.14 -10.61 -1.53
C THR B 55 12.22 -10.27 -2.53
N SER B 56 13.35 -9.86 -1.98
CA SER B 56 14.53 -9.53 -2.75
C SER B 56 15.43 -10.75 -2.83
N VAL B 57 15.79 -11.14 -4.05
CA VAL B 57 16.66 -12.29 -4.24
C VAL B 57 17.85 -11.84 -5.06
N ALA B 58 19.06 -12.09 -4.54
CA ALA B 58 20.29 -11.73 -5.25
C ALA B 58 21.41 -12.77 -5.13
N TYR B 59 21.98 -13.15 -6.27
CA TYR B 59 23.07 -14.12 -6.26
C TYR B 59 24.41 -13.41 -6.04
N THR B 60 24.96 -13.52 -4.84
CA THR B 60 26.26 -12.92 -4.54
C THR B 60 27.30 -13.78 -5.24
N ASN B 61 28.45 -13.21 -5.54
CA ASN B 61 29.49 -13.99 -6.19
C ASN B 61 30.45 -14.50 -5.11
N SER B 62 30.76 -13.62 -4.16
CA SER B 62 31.67 -13.92 -3.06
C SER B 62 31.01 -14.76 -1.99
N ILE B 63 30.47 -15.91 -2.37
CA ILE B 63 29.78 -16.78 -1.42
C ILE B 63 28.99 -17.80 -2.23
N ARG B 64 29.11 -17.72 -3.55
CA ARG B 64 28.38 -18.60 -4.49
C ARG B 64 27.09 -19.13 -3.88
N GLY B 65 26.31 -18.18 -3.35
CA GLY B 65 25.03 -18.47 -2.73
C GLY B 65 24.04 -17.38 -3.14
N PHE B 66 22.92 -17.29 -2.42
CA PHE B 66 21.93 -16.28 -2.74
C PHE B 66 21.56 -15.52 -1.48
N ILE B 67 21.42 -14.18 -1.56
CA ILE B 67 20.99 -13.43 -0.39
C ILE B 67 19.49 -13.27 -0.66
N THR B 68 18.68 -13.68 0.32
CA THR B 68 17.22 -13.63 0.23
C THR B 68 16.71 -12.76 1.38
N SER B 69 16.04 -11.66 1.02
CA SER B 69 15.48 -10.73 2.01
C SER B 69 14.01 -10.44 1.70
N THR B 70 13.22 -10.24 2.74
CA THR B 70 11.82 -9.96 2.54
C THR B 70 11.41 -8.69 3.26
N GLY B 71 10.30 -8.12 2.81
CA GLY B 71 9.79 -6.93 3.43
C GLY B 71 8.37 -6.75 2.94
N THR B 72 7.62 -5.89 3.62
CA THR B 72 6.25 -5.63 3.19
C THR B 72 6.23 -4.18 2.75
N VAL B 73 5.34 -3.83 1.84
CA VAL B 73 5.20 -2.43 1.42
C VAL B 73 3.93 -1.93 2.14
N PRO B 74 4.08 -1.37 3.34
CA PRO B 74 3.05 -0.82 4.22
C PRO B 74 2.27 0.38 3.77
N SER B 75 2.76 1.09 2.77
CA SER B 75 2.03 2.25 2.27
C SER B 75 2.53 2.65 0.91
N TRP B 76 1.87 3.63 0.32
CA TRP B 76 2.28 4.11 -0.99
C TRP B 76 1.41 5.25 -1.46
N THR B 77 2.07 6.33 -1.88
CA THR B 77 1.41 7.51 -2.36
C THR B 77 1.13 7.45 -3.85
N GLU B 78 0.89 8.61 -4.44
CA GLU B 78 0.57 8.73 -5.85
C GLU B 78 1.71 8.24 -6.76
N ASP B 79 2.95 8.39 -6.30
CA ASP B 79 4.12 7.94 -7.05
C ASP B 79 5.27 7.61 -6.07
N THR B 80 4.93 6.99 -4.95
CA THR B 80 5.91 6.68 -3.93
C THR B 80 5.53 5.40 -3.22
N PHE B 81 6.50 4.61 -2.79
CA PHE B 81 6.14 3.43 -2.02
C PHE B 81 7.16 3.18 -0.94
N ASP B 82 6.71 2.69 0.21
CA ASP B 82 7.64 2.44 1.28
C ASP B 82 7.85 0.94 1.50
N ILE B 83 8.99 0.58 2.10
CA ILE B 83 9.30 -0.80 2.39
C ILE B 83 9.56 -0.91 3.88
N ALA B 84 9.04 -1.99 4.46
CA ALA B 84 9.17 -2.23 5.87
C ALA B 84 9.92 -3.51 6.27
N TYR B 85 10.62 -3.42 7.40
CA TYR B 85 11.42 -4.46 8.04
C TYR B 85 12.04 -5.47 7.10
N SER B 92 10.25 2.13 6.72
CA SER B 92 11.69 2.31 6.86
C SER B 92 12.28 3.09 5.68
N SER B 93 12.38 2.49 4.51
CA SER B 93 12.93 3.23 3.38
C SER B 93 11.82 3.68 2.40
N THR B 94 11.96 4.86 1.79
CA THR B 94 10.99 5.37 0.83
C THR B 94 11.62 5.43 -0.55
N TYR B 95 10.88 4.97 -1.56
CA TYR B 95 11.30 4.91 -2.95
C TYR B 95 10.29 5.62 -3.88
N PHE B 96 10.80 6.28 -4.92
CA PHE B 96 9.97 7.00 -5.90
C PHE B 96 9.73 6.17 -7.14
N MSE B 97 8.49 6.07 -7.59
CA MSE B 97 8.20 5.30 -8.78
C MSE B 97 8.34 6.25 -9.93
O MSE B 97 7.40 6.95 -10.26
CB MSE B 97 6.78 4.79 -8.72
CG MSE B 97 6.39 4.05 -9.96
SE MSE B 97 7.58 2.54 -10.24
CE MSE B 97 6.63 1.19 -9.22
N VAL B 98 9.52 6.31 -10.54
CA VAL B 98 9.74 7.22 -11.66
C VAL B 98 8.93 6.93 -12.92
N GLY B 99 8.66 5.65 -13.19
CA GLY B 99 7.89 5.31 -14.37
C GLY B 99 7.70 3.83 -14.61
N THR B 100 6.47 3.41 -14.89
CA THR B 100 6.21 2.02 -15.16
C THR B 100 4.91 1.73 -15.91
N ASP B 101 4.83 0.57 -16.55
CA ASP B 101 3.63 0.18 -17.27
C ASP B 101 3.13 -1.11 -16.63
N TYR B 102 3.67 -1.40 -15.45
CA TYR B 102 3.32 -2.57 -14.67
C TYR B 102 3.49 -3.89 -15.38
N GLN B 103 4.06 -3.91 -16.58
CA GLN B 103 4.26 -5.20 -17.25
C GLN B 103 5.18 -5.22 -18.45
N THR B 104 6.38 -4.68 -18.29
CA THR B 104 7.38 -4.65 -19.36
C THR B 104 8.65 -3.92 -18.91
N TYR B 105 8.47 -2.75 -18.29
CA TYR B 105 9.57 -1.94 -17.79
C TYR B 105 9.13 -1.31 -16.47
N SER B 106 10.08 -0.92 -15.63
CA SER B 106 9.76 -0.34 -14.34
C SER B 106 10.91 0.46 -13.79
N ILE B 107 10.90 1.78 -13.92
CA ILE B 107 12.02 2.51 -13.37
C ILE B 107 11.69 3.13 -11.99
N VAL B 108 12.32 2.58 -10.95
CA VAL B 108 12.18 2.96 -9.54
C VAL B 108 13.46 3.66 -9.11
N ALA B 109 13.41 4.45 -8.04
CA ALA B 109 14.60 5.18 -7.60
C ALA B 109 14.53 5.61 -6.14
N GLY B 110 15.67 5.58 -5.46
CA GLY B 110 15.72 5.97 -4.06
C GLY B 110 17.12 6.42 -3.74
N CYS B 111 17.46 6.35 -2.46
CA CYS B 111 18.76 6.74 -1.96
C CYS B 111 19.31 5.56 -1.19
N LEU B 112 20.56 5.59 -0.77
CA LEU B 112 21.08 4.46 -0.03
C LEU B 112 21.76 4.91 1.24
N ASP B 113 21.35 4.31 2.35
CA ASP B 113 21.88 4.61 3.69
C ASP B 113 21.45 6.00 4.14
N ASN B 114 22.39 6.83 4.59
CA ASN B 114 22.02 8.17 5.02
C ASN B 114 22.40 9.17 3.93
N ASP B 115 22.95 8.62 2.84
CA ASP B 115 23.41 9.43 1.71
C ASP B 115 22.26 9.83 0.78
N TYR B 116 21.51 10.83 1.20
CA TYR B 116 20.39 11.33 0.42
C TYR B 116 20.95 12.10 -0.74
N SER B 117 22.25 12.39 -0.66
CA SER B 117 22.95 13.12 -1.70
C SER B 117 23.05 12.31 -3.00
N ARG B 118 23.29 11.02 -2.84
CA ARG B 118 23.45 10.11 -3.98
C ARG B 118 22.15 9.38 -4.36
N HIS B 119 21.64 9.69 -5.54
CA HIS B 119 20.44 9.02 -6.01
C HIS B 119 20.76 7.73 -6.76
N LEU B 120 19.87 6.75 -6.69
CA LEU B 120 20.11 5.49 -7.37
C LEU B 120 18.91 5.13 -8.23
N TYR B 121 19.13 4.80 -9.50
CA TYR B 121 18.01 4.39 -10.37
C TYR B 121 18.11 2.90 -10.65
N TRP B 122 16.96 2.22 -10.66
CA TRP B 122 16.91 0.80 -10.92
C TRP B 122 15.89 0.59 -12.05
N ILE B 123 16.36 0.03 -13.17
CA ILE B 123 15.48 -0.20 -14.31
C ILE B 123 15.11 -1.66 -14.20
N ALA B 124 13.82 -1.98 -14.23
CA ALA B 124 13.37 -3.37 -14.08
C ALA B 124 12.39 -3.92 -15.13
N SER B 125 12.23 -5.23 -15.15
CA SER B 125 11.31 -5.83 -16.11
C SER B 125 10.82 -7.21 -15.69
N HIS B 126 9.74 -7.66 -16.34
CA HIS B 126 9.18 -8.98 -16.06
C HIS B 126 9.96 -9.99 -16.90
N GLU B 127 10.45 -9.52 -18.03
CA GLU B 127 11.26 -10.34 -18.92
C GLU B 127 12.66 -10.31 -18.31
N THR B 128 13.65 -10.84 -19.02
CA THR B 128 15.02 -10.82 -18.52
C THR B 128 15.85 -9.94 -19.43
N SER B 129 15.20 -9.12 -20.27
CA SER B 129 15.89 -8.22 -21.20
C SER B 129 14.91 -7.34 -21.95
N PHE B 130 15.38 -6.20 -22.45
CA PHE B 130 14.49 -5.30 -23.18
C PHE B 130 14.58 -5.43 -24.70
N ASP B 131 13.44 -5.33 -25.36
CA ASP B 131 13.45 -5.37 -26.82
C ASP B 131 13.68 -3.91 -27.21
N ASP B 132 14.32 -3.67 -28.35
CA ASP B 132 14.61 -2.29 -28.75
C ASP B 132 13.43 -1.35 -28.54
N ALA B 133 12.22 -1.89 -28.58
CA ALA B 133 11.01 -1.11 -28.38
C ALA B 133 11.03 -0.48 -26.98
N THR B 134 10.97 -1.34 -25.96
CA THR B 134 10.98 -0.91 -24.57
C THR B 134 12.12 0.07 -24.31
N LYS B 135 13.36 -0.38 -24.46
CA LYS B 135 14.55 0.45 -24.24
C LYS B 135 14.29 1.90 -24.66
N ALA B 136 13.66 2.05 -25.82
CA ALA B 136 13.34 3.37 -26.35
C ALA B 136 12.57 4.16 -25.31
N LYS B 137 11.47 3.56 -24.84
CA LYS B 137 10.60 4.16 -23.84
C LYS B 137 11.33 4.46 -22.53
N VAL B 138 12.10 3.47 -22.05
CA VAL B 138 12.82 3.63 -20.79
C VAL B 138 13.72 4.85 -20.82
N ASN B 139 14.26 5.16 -22.00
CA ASN B 139 15.14 6.32 -22.14
C ASN B 139 14.32 7.57 -22.38
N GLU B 140 13.14 7.36 -22.95
CA GLU B 140 12.22 8.44 -23.19
C GLU B 140 11.89 8.98 -21.80
N VAL B 141 11.67 8.06 -20.87
CA VAL B 141 11.34 8.39 -19.49
C VAL B 141 12.54 8.87 -18.68
N LEU B 142 13.66 8.16 -18.79
CA LEU B 142 14.85 8.53 -18.05
C LEU B 142 15.39 9.89 -18.48
N ALA B 143 15.19 10.19 -19.76
CA ALA B 143 15.67 11.43 -20.36
C ALA B 143 15.58 12.71 -19.51
N PRO B 144 14.37 13.14 -19.15
CA PRO B 144 14.16 14.36 -18.35
C PRO B 144 15.12 14.62 -17.19
N TYR B 145 15.78 13.57 -16.70
CA TYR B 145 16.70 13.70 -15.56
C TYR B 145 18.13 13.60 -15.98
N ASN B 146 18.32 13.46 -17.28
CA ASN B 146 19.66 13.35 -17.83
C ASN B 146 20.29 12.02 -17.52
N LEU B 147 19.57 10.95 -17.82
CA LEU B 147 20.05 9.59 -17.63
C LEU B 147 19.64 8.88 -18.88
N SER B 148 20.31 7.77 -19.14
CA SER B 148 20.02 6.97 -20.32
C SER B 148 20.38 5.53 -19.98
N LEU B 149 19.76 4.61 -20.69
CA LEU B 149 20.02 3.23 -20.40
C LEU B 149 21.49 2.83 -20.46
N ASP B 150 22.30 3.57 -21.22
CA ASP B 150 23.73 3.24 -21.36
C ASP B 150 24.61 4.16 -20.51
N ASP B 151 23.99 4.71 -19.48
CA ASP B 151 24.65 5.62 -18.56
C ASP B 151 24.77 4.88 -17.23
N MSE B 152 24.25 3.67 -17.21
CA MSE B 152 24.28 2.84 -16.01
C MSE B 152 24.61 1.37 -16.27
O MSE B 152 24.51 0.88 -17.39
CB MSE B 152 22.97 2.97 -15.27
CG MSE B 152 21.77 2.87 -16.15
SE MSE B 152 20.30 3.79 -15.34
CE MSE B 152 19.06 3.57 -16.81
N GLU B 153 24.98 0.70 -15.18
CA GLU B 153 25.41 -0.70 -15.17
C GLU B 153 24.39 -1.82 -15.40
N PRO B 154 24.54 -2.57 -16.51
CA PRO B 154 23.63 -3.68 -16.84
C PRO B 154 23.85 -4.83 -15.87
N VAL B 155 22.81 -5.62 -15.60
CA VAL B 155 22.88 -6.75 -14.69
C VAL B 155 22.32 -8.01 -15.36
N ASP B 156 23.11 -9.07 -15.40
CA ASP B 156 22.63 -10.31 -16.01
C ASP B 156 21.76 -11.16 -15.08
N GLN B 157 20.80 -11.87 -15.68
CA GLN B 157 19.90 -12.72 -14.93
C GLN B 157 19.92 -14.14 -15.49
N SER B 158 20.78 -14.99 -14.92
CA SER B 158 20.87 -16.36 -15.37
C SER B 158 20.98 -17.30 -14.19
N TYR B 159 21.99 -17.11 -13.34
CA TYR B 159 22.14 -17.98 -12.15
C TYR B 159 20.84 -17.90 -11.33
N CYS B 160 19.83 -17.30 -11.93
CA CYS B 160 18.54 -17.12 -11.31
C CYS B 160 17.78 -18.41 -11.06
N VAL B 161 17.93 -19.36 -11.96
CA VAL B 161 17.22 -20.63 -11.79
C VAL B 161 17.94 -21.50 -10.76
N GLN B 162 19.22 -21.22 -10.53
CA GLN B 162 20.01 -21.96 -9.55
C GLN B 162 19.42 -21.80 -8.16
N TYR B 163 18.79 -20.66 -7.92
CA TYR B 163 18.20 -20.34 -6.62
C TYR B 163 17.54 -21.54 -5.96
C2 PE4 C . -23.08 2.40 -1.82
O2 PE4 C . -22.84 3.14 -0.59
C3 PE4 C . -22.17 4.33 -1.05
C4 PE4 C . -21.83 5.20 0.13
O3 PE4 C . -21.10 4.50 1.16
C5 PE4 C . -20.91 5.59 2.11
C6 PE4 C . -20.18 5.24 3.43
O4 PE4 C . -19.80 3.88 3.40
C7 PE4 C . -19.18 3.59 4.65
C8 PE4 C . -18.76 2.10 4.61
O5 PE4 C . -17.47 2.05 5.22
C9 PE4 C . -16.98 0.71 5.24
C10 PE4 C . -15.60 0.83 5.96
O6 PE4 C . -14.90 1.91 5.30
C11 PE4 C . -13.63 2.16 5.87
C12 PE4 C . -13.03 3.29 5.03
O7 PE4 C . -13.47 3.08 3.67
C13 PE4 C . -12.96 4.14 2.86
C14 PE4 C . -13.44 3.92 1.41
O8 PE4 C . -14.25 2.72 1.33
C15 PE4 C . -14.68 2.57 -0.04
C16 PE4 C . -15.56 1.32 -0.17
C2 PE4 D . 13.86 -3.24 5.05
O2 PE4 D . 13.26 -4.06 4.01
C3 PE4 D . 14.31 -4.98 3.70
C4 PE4 D . 13.87 -5.92 2.63
O3 PE4 D . 13.70 -5.22 1.39
C5 PE4 D . 13.30 -6.32 0.51
C6 PE4 D . 12.98 -5.93 -0.94
O4 PE4 D . 13.01 -4.52 -1.01
C7 PE4 D . 12.68 -4.16 -2.34
C8 PE4 D . 12.72 -2.62 -2.40
O5 PE4 D . 13.29 -2.35 -3.67
C9 PE4 D . 13.41 -0.94 -3.90
C10 PE4 D . 14.03 -0.89 -5.34
O6 PE4 D . 15.13 -1.83 -5.36
C11 PE4 D . 15.76 -1.88 -6.65
C12 PE4 D . 16.91 -2.87 -6.48
O7 PE4 D . 17.47 -2.67 -5.17
C13 PE4 D . 18.54 -3.61 -4.98
C14 PE4 D . 19.14 -3.41 -3.57
O8 PE4 D . 18.40 -2.42 -2.82
C15 PE4 D . 19.02 -2.31 -1.52
C16 PE4 D . 18.25 -1.29 -0.67
#